data_4US3
#
_entry.id   4US3
#
_cell.length_a   44.280
_cell.length_b   49.890
_cell.length_c   110.050
_cell.angle_alpha   90.00
_cell.angle_beta   96.76
_cell.angle_gamma   90.00
#
_symmetry.space_group_name_H-M   'P 1 2 1'
#
loop_
_entity.id
_entity.type
_entity.pdbx_description
1 polymer TRANSPORTER
2 non-polymer TRYPTOPHAN
3 non-polymer 'SODIUM ION'
4 non-polymer 'nonyl beta-D-glucopyranoside'
5 non-polymer DODECYL-ALPHA-D-MALTOSIDE
6 water water
#
_entity_poly.entity_id   1
_entity_poly.type   'polypeptide(L)'
_entity_poly.pdbx_seq_one_letter_code
;SMASLKQQTGREQWASRLGFILAAMGSAVGLGNIWRFSYVTGENGGAAFLLVYLGFIALIGIPIVLAEFTIGRRAQSDAV
GSFEKLAPGKPWKVAGLMGVAAGFLILSFYGVIAGWILFYLFNYITGQLWSAPAEGFGGFFEGFIANPTLPLFWQALFMI
ATIWIVAIGVKKGIERSNKILMPLLGVLLIALAIYSLTLGGAKEGLAFLFSPDWSALKDPGVYLAAISQAFFTLSLGMGA
LITYGSYVSKDSRLPGAAVSVAGLDTAFAIIAGIMIFPAVFALGLSPSGGPGLVFVVLPDIFDSIRLGPIVGIAFFILLG
AAALSSAVSLLEVPVAYFMRKFDWSRKQAAITLGVIITLLGIPSSLSFGVLGEVTIIPGLNIFDSVDFIASSVFLPLGGM
IIALFIGWGWKTSDALAESDLTDSVWGKLWILSLRFIAPIAILIVFLSAFQIFFN
;
_entity_poly.pdbx_strand_id   A
#
loop_
_chem_comp.id
_chem_comp.type
_chem_comp.name
_chem_comp.formula
BNG D-saccharide 'nonyl beta-D-glucopyranoside' 'C15 H30 O6'
LMU D-saccharide DODECYL-ALPHA-D-MALTOSIDE 'C24 H46 O11'
NA non-polymer 'SODIUM ION' 'Na 1'
#
# COMPACT_ATOMS: atom_id res chain seq x y z
N GLY A 10 -3.54 22.40 19.82
CA GLY A 10 -3.15 22.94 18.53
C GLY A 10 -3.01 21.87 17.46
N ARG A 11 -3.58 20.70 17.75
CA ARG A 11 -3.56 19.58 16.82
C ARG A 11 -4.45 19.88 15.62
N GLU A 12 -4.01 19.44 14.45
CA GLU A 12 -4.77 19.64 13.22
C GLU A 12 -5.98 18.70 13.14
N GLN A 13 -6.96 19.11 12.33
CA GLN A 13 -8.18 18.35 12.06
C GLN A 13 -8.51 18.55 10.59
N TRP A 14 -9.22 17.59 10.00
CA TRP A 14 -9.67 17.77 8.62
C TRP A 14 -10.60 18.98 8.55
N ALA A 15 -10.38 19.86 7.57
CA ALA A 15 -11.21 21.05 7.42
C ALA A 15 -12.55 20.69 6.83
N SER A 16 -12.51 19.74 5.89
CA SER A 16 -13.69 19.39 5.14
C SER A 16 -14.35 18.13 5.67
N ARG A 17 -15.60 17.95 5.29
CA ARG A 17 -16.38 16.82 5.76
C ARG A 17 -15.92 15.53 5.10
N LEU A 18 -15.61 15.63 3.81
CA LEU A 18 -15.15 14.48 3.03
C LEU A 18 -13.65 14.30 3.15
N GLY A 19 -12.99 15.22 3.84
CA GLY A 19 -11.54 15.18 3.98
C GLY A 19 -11.05 13.83 4.45
N PHE A 20 -11.60 13.35 5.56
CA PHE A 20 -11.19 12.09 6.16
C PHE A 20 -11.27 10.89 5.20
N ILE A 21 -12.44 10.65 4.65
CA ILE A 21 -12.66 9.45 3.86
C ILE A 21 -11.81 9.50 2.57
N LEU A 22 -11.69 10.68 1.97
CA LEU A 22 -10.91 10.80 0.75
C LEU A 22 -9.42 10.69 1.05
N ALA A 23 -9.00 11.14 2.23
CA ALA A 23 -7.61 10.96 2.63
C ALA A 23 -7.32 9.48 2.92
N ALA A 24 -8.27 8.79 3.54
CA ALA A 24 -8.11 7.37 3.86
C ALA A 24 -8.02 6.60 2.57
N MET A 25 -8.96 6.89 1.66
CA MET A 25 -8.93 6.35 0.29
C MET A 25 -7.64 6.69 -0.47
N GLY A 26 -7.20 7.95 -0.40
CA GLY A 26 -5.94 8.35 -0.99
C GLY A 26 -4.78 7.55 -0.44
N SER A 27 -4.81 7.25 0.86
CA SER A 27 -3.75 6.47 1.48
C SER A 27 -3.71 5.06 0.91
N ALA A 28 -4.88 4.43 0.84
CA ALA A 28 -4.97 3.03 0.49
C ALA A 28 -4.64 2.73 -0.97
N VAL A 29 -5.18 3.55 -1.88
CA VAL A 29 -5.05 3.27 -3.31
C VAL A 29 -3.77 3.87 -3.89
N GLY A 30 -2.90 3.01 -4.41
CA GLY A 30 -1.63 3.42 -4.98
C GLY A 30 -0.87 2.25 -5.60
N LEU A 31 0.46 2.28 -5.44
CA LEU A 31 1.33 1.27 -6.04
C LEU A 31 0.99 -0.16 -5.61
N GLY A 32 0.48 -0.33 -4.40
CA GLY A 32 0.16 -1.65 -3.91
C GLY A 32 -0.94 -2.32 -4.72
N ASN A 33 -1.78 -1.52 -5.35
CA ASN A 33 -2.91 -2.03 -6.12
C ASN A 33 -2.54 -2.48 -7.52
N ILE A 34 -1.49 -1.86 -8.09
CA ILE A 34 -1.11 -2.17 -9.46
C ILE A 34 0.25 -2.86 -9.51
N TRP A 35 1.30 -2.15 -9.11
CA TRP A 35 2.64 -2.73 -9.08
C TRP A 35 2.78 -3.94 -8.13
N ARG A 36 2.47 -3.78 -6.85
CA ARG A 36 2.66 -4.90 -5.91
C ARG A 36 1.67 -6.05 -6.13
N PHE A 37 0.39 -5.73 -6.25
CA PHE A 37 -0.63 -6.77 -6.38
C PHE A 37 -0.34 -7.67 -7.57
N SER A 38 0.07 -7.06 -8.68
CA SER A 38 0.40 -7.81 -9.89
C SER A 38 1.53 -8.82 -9.68
N TYR A 39 2.66 -8.36 -9.15
CA TYR A 39 3.80 -9.27 -9.09
C TYR A 39 3.66 -10.33 -8.00
N VAL A 40 3.03 -9.96 -6.88
CA VAL A 40 2.77 -10.92 -5.81
C VAL A 40 1.72 -11.97 -6.23
N THR A 41 0.65 -11.51 -6.87
CA THR A 41 -0.37 -12.43 -7.39
C THR A 41 0.26 -13.36 -8.42
N GLY A 42 1.07 -12.79 -9.30
CA GLY A 42 1.76 -13.55 -10.33
C GLY A 42 2.71 -14.64 -9.82
N GLU A 43 3.51 -14.32 -8.83
CA GLU A 43 4.45 -15.32 -8.32
C GLU A 43 3.83 -16.32 -7.34
N ASN A 44 2.60 -16.05 -6.91
CA ASN A 44 1.89 -17.00 -6.02
C ASN A 44 0.78 -17.82 -6.70
N GLY A 45 0.67 -17.71 -8.03
CA GLY A 45 -0.19 -18.61 -8.78
C GLY A 45 -1.59 -18.14 -9.12
N GLY A 46 -1.90 -16.89 -8.77
CA GLY A 46 -3.17 -16.30 -9.13
C GLY A 46 -4.38 -16.58 -8.25
N ALA A 47 -5.31 -17.36 -8.78
CA ALA A 47 -6.66 -17.46 -8.24
C ALA A 47 -6.76 -17.98 -6.79
N ALA A 48 -6.00 -19.01 -6.46
CA ALA A 48 -6.07 -19.50 -5.09
C ALA A 48 -5.53 -18.44 -4.12
N PHE A 49 -4.43 -17.80 -4.50
CA PHE A 49 -3.89 -16.67 -3.73
C PHE A 49 -4.93 -15.55 -3.65
N LEU A 50 -5.52 -15.21 -4.79
CA LEU A 50 -6.52 -14.15 -4.83
C LEU A 50 -7.65 -14.40 -3.82
N LEU A 51 -8.18 -15.62 -3.80
CA LEU A 51 -9.29 -15.97 -2.92
C LEU A 51 -8.89 -15.87 -1.45
N VAL A 52 -7.68 -16.30 -1.12
CA VAL A 52 -7.20 -16.17 0.24
C VAL A 52 -7.07 -14.70 0.60
N TYR A 53 -6.59 -13.91 -0.35
CA TYR A 53 -6.45 -12.47 -0.15
C TYR A 53 -7.79 -11.78 0.09
N LEU A 54 -8.78 -12.09 -0.75
CA LEU A 54 -10.11 -11.55 -0.61
C LEU A 54 -10.75 -11.97 0.71
N GLY A 55 -10.50 -13.22 1.11
CA GLY A 55 -10.93 -13.67 2.41
C GLY A 55 -10.34 -12.84 3.53
N PHE A 56 -9.05 -12.56 3.45
CA PHE A 56 -8.35 -11.77 4.46
C PHE A 56 -8.83 -10.33 4.48
N ILE A 57 -9.15 -9.77 3.30
CA ILE A 57 -9.67 -8.40 3.25
C ILE A 57 -10.96 -8.33 4.06
N ALA A 58 -11.89 -9.22 3.75
CA ALA A 58 -13.19 -9.20 4.39
C ALA A 58 -13.07 -9.40 5.89
N LEU A 59 -12.38 -10.48 6.28
CA LEU A 59 -12.46 -10.95 7.66
C LEU A 59 -11.41 -10.38 8.61
N ILE A 60 -10.33 -9.86 8.05
CA ILE A 60 -9.27 -9.29 8.89
C ILE A 60 -9.09 -7.78 8.62
N GLY A 61 -9.01 -7.43 7.33
CA GLY A 61 -8.79 -6.06 6.89
C GLY A 61 -9.83 -5.03 7.32
N ILE A 62 -11.09 -5.24 6.92
CA ILE A 62 -12.17 -4.34 7.31
C ILE A 62 -12.26 -4.12 8.84
N PRO A 63 -12.23 -5.21 9.64
CA PRO A 63 -12.22 -5.00 11.10
C PRO A 63 -11.03 -4.21 11.64
N ILE A 64 -9.83 -4.53 11.19
CA ILE A 64 -8.64 -3.85 11.70
C ILE A 64 -8.57 -2.42 11.13
N VAL A 65 -9.19 -2.17 9.99
CA VAL A 65 -9.26 -0.78 9.50
C VAL A 65 -10.14 0.05 10.45
N LEU A 66 -11.32 -0.49 10.74
CA LEU A 66 -12.23 0.13 11.71
C LEU A 66 -11.56 0.31 13.07
N ALA A 67 -10.73 -0.67 13.43
CA ALA A 67 -10.02 -0.61 14.70
C ALA A 67 -9.05 0.57 14.73
N GLU A 68 -8.28 0.76 13.67
CA GLU A 68 -7.34 1.89 13.60
C GLU A 68 -8.08 3.23 13.68
N PHE A 69 -9.15 3.35 12.89
CA PHE A 69 -9.99 4.55 12.88
C PHE A 69 -10.49 4.88 14.27
N THR A 70 -11.07 3.88 14.92
CA THR A 70 -11.60 4.02 16.27
C THR A 70 -10.56 4.46 17.29
N ILE A 71 -9.45 3.73 17.36
CA ILE A 71 -8.33 4.10 18.22
C ILE A 71 -7.88 5.55 17.99
N GLY A 72 -7.71 5.90 16.71
CA GLY A 72 -7.19 7.21 16.37
C GLY A 72 -8.15 8.35 16.67
N ARG A 73 -9.41 8.19 16.31
CA ARG A 73 -10.42 9.22 16.60
C ARG A 73 -10.66 9.39 18.09
N ARG A 74 -10.60 8.28 18.84
CA ARG A 74 -10.82 8.36 20.28
C ARG A 74 -9.66 9.10 20.97
N ALA A 75 -8.43 8.79 20.59
CA ALA A 75 -7.28 9.37 21.30
C ALA A 75 -6.85 10.74 20.79
N GLN A 76 -7.10 11.01 19.52
CA GLN A 76 -6.65 12.25 18.88
C GLN A 76 -5.15 12.41 19.06
N SER A 77 -4.40 11.40 18.66
CA SER A 77 -2.96 11.38 18.85
C SER A 77 -2.32 10.49 17.78
N ASP A 78 -1.00 10.43 17.78
CA ASP A 78 -0.25 9.66 16.81
C ASP A 78 -0.36 8.15 17.06
N ALA A 79 0.31 7.38 16.20
CA ALA A 79 0.30 5.93 16.27
C ALA A 79 0.83 5.40 17.61
N VAL A 80 1.80 6.08 18.20
CA VAL A 80 2.33 5.64 19.48
C VAL A 80 1.56 6.31 20.62
N GLY A 81 1.42 7.63 20.53
CA GLY A 81 0.69 8.40 21.52
C GLY A 81 -0.72 7.94 21.80
N SER A 82 -1.39 7.40 20.78
CA SER A 82 -2.75 6.92 20.99
C SER A 82 -2.82 5.80 22.03
N PHE A 83 -1.88 4.85 21.95
CA PHE A 83 -1.86 3.75 22.90
C PHE A 83 -1.49 4.21 24.32
N GLU A 84 -0.55 5.16 24.41
CA GLU A 84 -0.12 5.71 25.68
C GLU A 84 -1.27 6.43 26.38
N LYS A 85 -2.06 7.13 25.57
CA LYS A 85 -3.16 7.93 26.08
C LYS A 85 -4.28 7.03 26.59
N LEU A 86 -4.60 6.00 25.80
CA LEU A 86 -5.75 5.15 26.09
C LEU A 86 -5.45 4.09 27.15
N ALA A 87 -4.19 3.71 27.27
CA ALA A 87 -3.77 2.68 28.22
C ALA A 87 -2.34 2.96 28.66
N PRO A 88 -2.13 3.98 29.50
CA PRO A 88 -0.77 4.36 29.88
C PRO A 88 -0.04 3.26 30.68
N GLY A 89 1.25 3.08 30.38
CA GLY A 89 2.05 2.07 31.05
C GLY A 89 1.77 0.65 30.62
N LYS A 90 0.90 0.47 29.63
CA LYS A 90 0.60 -0.87 29.11
C LYS A 90 1.43 -1.13 27.84
N PRO A 91 1.73 -2.41 27.58
CA PRO A 91 2.64 -2.78 26.48
C PRO A 91 2.08 -2.55 25.08
N TRP A 92 0.78 -2.30 24.94
CA TRP A 92 0.14 -2.15 23.63
C TRP A 92 0.86 -1.17 22.68
N LYS A 93 1.61 -0.23 23.24
CA LYS A 93 2.24 0.81 22.43
C LYS A 93 3.37 0.27 21.54
N VAL A 94 3.80 -0.97 21.81
CA VAL A 94 4.76 -1.68 20.97
C VAL A 94 4.28 -1.70 19.51
N ALA A 95 2.97 -1.84 19.32
CA ALA A 95 2.36 -1.80 18.00
C ALA A 95 2.69 -0.50 17.24
N GLY A 96 2.44 0.64 17.89
CA GLY A 96 2.73 1.92 17.28
C GLY A 96 4.21 2.21 17.12
N LEU A 97 5.03 1.68 18.03
CA LEU A 97 6.47 1.87 17.91
C LEU A 97 6.98 1.08 16.71
N MET A 98 6.44 -0.12 16.55
CA MET A 98 6.78 -1.00 15.44
C MET A 98 6.24 -0.42 14.12
N GLY A 99 5.08 0.25 14.19
CA GLY A 99 4.49 0.92 13.04
C GLY A 99 5.29 2.10 12.52
N VAL A 100 5.75 2.96 13.42
CA VAL A 100 6.71 4.01 13.09
C VAL A 100 7.91 3.40 12.34
N ALA A 101 8.44 2.30 12.86
CA ALA A 101 9.55 1.64 12.19
C ALA A 101 9.15 1.10 10.80
N ALA A 102 7.98 0.48 10.71
CA ALA A 102 7.50 -0.02 9.42
C ALA A 102 7.35 1.13 8.42
N GLY A 103 6.98 2.30 8.93
CA GLY A 103 6.86 3.51 8.14
C GLY A 103 8.17 3.95 7.50
N PHE A 104 9.24 4.00 8.29
CA PHE A 104 10.58 4.21 7.76
C PHE A 104 10.89 3.21 6.67
N LEU A 105 10.73 1.93 6.98
CA LEU A 105 11.11 0.88 6.06
C LEU A 105 10.33 0.88 4.76
N ILE A 106 8.99 0.92 4.87
CA ILE A 106 8.16 0.83 3.67
C ILE A 106 8.39 2.01 2.73
N LEU A 107 8.32 3.23 3.27
CA LEU A 107 8.52 4.41 2.43
C LEU A 107 9.90 4.44 1.79
N SER A 108 10.90 3.84 2.43
CA SER A 108 12.25 3.85 1.86
C SER A 108 12.28 3.14 0.49
N PHE A 109 11.51 2.08 0.31
CA PHE A 109 11.50 1.43 -1.01
C PHE A 109 10.32 1.88 -1.89
N TYR A 110 9.23 2.30 -1.26
CA TYR A 110 8.07 2.85 -1.96
C TYR A 110 8.51 4.02 -2.83
N GLY A 111 9.38 4.87 -2.28
CA GLY A 111 9.93 6.00 -3.00
C GLY A 111 10.79 5.61 -4.19
N VAL A 112 11.38 4.43 -4.12
CA VAL A 112 12.19 3.94 -5.24
C VAL A 112 11.28 3.51 -6.39
N ILE A 113 10.24 2.74 -6.06
CA ILE A 113 9.33 2.29 -7.10
C ILE A 113 8.60 3.48 -7.72
N ALA A 114 8.22 4.45 -6.89
CA ALA A 114 7.56 5.66 -7.34
C ALA A 114 8.49 6.47 -8.24
N GLY A 115 9.78 6.47 -7.90
CA GLY A 115 10.78 7.05 -8.78
C GLY A 115 10.87 6.34 -10.12
N TRP A 116 10.65 5.03 -10.16
CA TRP A 116 10.58 4.33 -11.45
C TRP A 116 9.44 4.90 -12.30
N ILE A 117 8.32 5.21 -11.63
CA ILE A 117 7.15 5.79 -12.25
C ILE A 117 7.46 7.14 -12.92
N LEU A 118 8.09 8.05 -12.17
CA LEU A 118 8.51 9.34 -12.73
C LEU A 118 9.46 9.19 -13.91
N PHE A 119 10.36 8.22 -13.82
CA PHE A 119 11.29 7.96 -14.93
C PHE A 119 10.51 7.57 -16.18
N TYR A 120 9.52 6.70 -16.00
CA TYR A 120 8.69 6.26 -17.13
C TYR A 120 7.87 7.42 -17.69
N LEU A 121 7.30 8.22 -16.79
CA LEU A 121 6.58 9.42 -17.20
C LEU A 121 7.46 10.39 -18.00
N PHE A 122 8.64 10.69 -17.48
CA PHE A 122 9.62 11.52 -18.20
C PHE A 122 9.90 10.99 -19.61
N ASN A 123 10.09 9.69 -19.73
CA ASN A 123 10.34 9.08 -21.04
C ASN A 123 9.18 9.23 -22.03
N TYR A 124 7.94 9.13 -21.55
CA TYR A 124 6.80 9.30 -22.43
C TYR A 124 6.68 10.74 -22.88
N ILE A 125 6.92 11.67 -21.96
CA ILE A 125 6.80 13.09 -22.23
C ILE A 125 7.87 13.60 -23.21
N THR A 126 9.06 13.00 -23.18
CA THR A 126 10.14 13.43 -24.05
C THR A 126 10.24 12.52 -25.30
N GLY A 127 9.24 11.69 -25.49
CA GLY A 127 9.09 10.92 -26.72
C GLY A 127 9.93 9.66 -26.82
N GLN A 128 10.48 9.21 -25.69
CA GLN A 128 11.46 8.13 -25.71
C GLN A 128 10.90 6.71 -25.77
N LEU A 129 9.73 6.46 -25.19
CA LEU A 129 9.20 5.09 -25.15
C LEU A 129 8.00 4.86 -26.08
N TRP A 130 7.94 5.61 -27.17
CA TRP A 130 6.82 5.49 -28.09
C TRP A 130 6.87 4.17 -28.87
N SER A 131 8.04 3.86 -29.44
CA SER A 131 8.26 2.55 -30.05
C SER A 131 9.15 1.70 -29.15
N ALA A 132 9.23 0.40 -29.43
CA ALA A 132 10.04 -0.50 -28.63
C ALA A 132 11.50 -0.11 -28.78
N PRO A 133 12.20 0.04 -27.64
CA PRO A 133 13.67 0.19 -27.70
C PRO A 133 14.30 -1.03 -28.38
N ALA A 134 15.50 -0.87 -28.93
CA ALA A 134 16.18 -1.97 -29.61
C ALA A 134 16.39 -3.16 -28.68
N GLU A 135 16.64 -2.87 -27.41
CA GLU A 135 16.84 -3.92 -26.42
C GLU A 135 15.50 -4.44 -25.88
N GLY A 136 14.41 -3.83 -26.32
CA GLY A 136 13.10 -4.27 -25.87
C GLY A 136 12.65 -3.62 -24.58
N PHE A 137 11.36 -3.71 -24.31
CA PHE A 137 10.81 -3.07 -23.13
C PHE A 137 11.38 -3.68 -21.84
N GLY A 138 11.63 -4.98 -21.86
CA GLY A 138 12.23 -5.67 -20.73
C GLY A 138 13.69 -5.28 -20.57
N GLY A 139 14.37 -5.08 -21.69
CA GLY A 139 15.78 -4.72 -21.69
C GLY A 139 15.97 -3.29 -21.25
N PHE A 140 15.08 -2.43 -21.71
CA PHE A 140 15.03 -1.04 -21.25
C PHE A 140 14.85 -0.96 -19.73
N PHE A 141 13.90 -1.70 -19.18
CA PHE A 141 13.65 -1.65 -17.74
C PHE A 141 14.87 -2.12 -16.96
N GLU A 142 15.44 -3.24 -17.38
CA GLU A 142 16.57 -3.85 -16.71
C GLU A 142 17.78 -2.91 -16.65
N GLY A 143 18.03 -2.20 -17.75
CA GLY A 143 19.15 -1.28 -17.83
C GLY A 143 18.95 -0.05 -16.95
N PHE A 144 17.70 0.38 -16.84
CA PHE A 144 17.39 1.52 -15.98
C PHE A 144 17.65 1.19 -14.50
N ILE A 145 17.02 0.14 -13.99
CA ILE A 145 17.06 -0.12 -12.55
C ILE A 145 18.43 -0.57 -12.04
N ALA A 146 19.24 -1.18 -12.90
CA ALA A 146 20.60 -1.61 -12.52
C ALA A 146 21.63 -0.48 -12.59
N ASN A 147 21.28 0.61 -13.27
CA ASN A 147 22.05 1.84 -13.25
C ASN A 147 22.13 2.32 -11.82
N PRO A 148 23.35 2.53 -11.30
CA PRO A 148 23.53 2.89 -9.88
C PRO A 148 22.88 4.22 -9.48
N THR A 149 23.01 5.26 -10.29
CA THR A 149 22.57 6.61 -9.89
C THR A 149 21.24 7.12 -10.43
N LEU A 150 20.91 6.76 -11.67
CA LEU A 150 19.68 7.27 -12.30
C LEU A 150 18.39 7.03 -11.50
N PRO A 151 18.15 5.79 -10.99
CA PRO A 151 16.95 5.62 -10.16
C PRO A 151 16.97 6.50 -8.91
N LEU A 152 18.14 6.80 -8.38
CA LEU A 152 18.26 7.59 -7.15
C LEU A 152 17.80 9.03 -7.38
N PHE A 153 18.01 9.54 -8.58
CA PHE A 153 17.64 10.91 -8.85
C PHE A 153 16.11 11.01 -8.88
N TRP A 154 15.48 10.09 -9.58
CA TRP A 154 14.02 10.10 -9.65
C TRP A 154 13.39 9.80 -8.28
N GLN A 155 14.03 8.93 -7.49
CA GLN A 155 13.58 8.67 -6.13
C GLN A 155 13.62 9.94 -5.30
N ALA A 156 14.75 10.65 -5.36
CA ALA A 156 14.90 11.88 -4.58
C ALA A 156 13.86 12.90 -4.97
N LEU A 157 13.62 13.00 -6.26
CA LEU A 157 12.60 13.89 -6.79
C LEU A 157 11.21 13.60 -6.21
N PHE A 158 10.85 12.32 -6.16
CA PHE A 158 9.55 11.91 -5.63
C PHE A 158 9.43 12.20 -4.13
N MET A 159 10.52 11.97 -3.39
CA MET A 159 10.54 12.18 -1.95
C MET A 159 10.44 13.67 -1.60
N ILE A 160 11.04 14.52 -2.43
CA ILE A 160 10.94 15.96 -2.23
C ILE A 160 9.47 16.37 -2.30
N ALA A 161 8.76 15.84 -3.28
CA ALA A 161 7.33 16.14 -3.47
C ALA A 161 6.53 15.65 -2.27
N THR A 162 6.88 14.46 -1.81
CA THR A 162 6.27 13.86 -0.63
C THR A 162 6.57 14.68 0.64
N ILE A 163 7.81 15.11 0.78
CA ILE A 163 8.21 15.87 1.96
C ILE A 163 7.46 17.19 2.01
N TRP A 164 7.32 17.81 0.85
CA TRP A 164 6.70 19.11 0.74
C TRP A 164 5.24 19.11 1.19
N ILE A 165 4.50 18.10 0.75
CA ILE A 165 3.09 18.01 1.10
C ILE A 165 2.93 17.78 2.59
N VAL A 166 3.74 16.88 3.15
CA VAL A 166 3.68 16.64 4.60
C VAL A 166 4.11 17.88 5.40
N ALA A 167 5.13 18.60 4.92
CA ALA A 167 5.59 19.80 5.59
C ALA A 167 4.52 20.90 5.66
N ILE A 168 3.72 20.97 4.59
CA ILE A 168 2.67 21.97 4.43
C ILE A 168 1.51 21.82 5.43
N GLY A 169 1.14 20.57 5.73
CA GLY A 169 0.18 20.31 6.77
C GLY A 169 -0.97 19.41 6.36
N VAL A 170 -1.76 19.01 7.35
CA VAL A 170 -2.93 18.18 7.09
C VAL A 170 -3.94 18.92 6.22
N LYS A 171 -4.30 20.12 6.65
CA LYS A 171 -5.29 20.94 5.96
C LYS A 171 -4.79 21.54 4.66
N LYS A 172 -3.58 22.08 4.66
CA LYS A 172 -3.07 22.75 3.47
C LYS A 172 -2.40 21.77 2.50
N GLY A 173 -1.94 20.64 3.00
CA GLY A 173 -1.21 19.70 2.18
C GLY A 173 -1.95 18.40 1.90
N ILE A 174 -2.04 17.54 2.91
CA ILE A 174 -2.60 16.20 2.72
C ILE A 174 -4.05 16.22 2.20
N GLU A 175 -4.88 17.04 2.80
CA GLU A 175 -6.29 17.16 2.42
C GLU A 175 -6.50 17.80 1.04
N ARG A 176 -5.53 18.54 0.54
CA ARG A 176 -5.73 19.37 -0.67
C ARG A 176 -5.41 18.64 -1.99
N SER A 177 -5.33 17.31 -1.94
CA SER A 177 -5.26 16.49 -3.15
C SER A 177 -6.36 16.81 -4.16
N ASN A 178 -6.06 16.66 -5.45
CA ASN A 178 -7.05 16.86 -6.51
C ASN A 178 -7.98 15.65 -6.61
N LYS A 179 -9.27 15.90 -6.40
CA LYS A 179 -10.29 14.86 -6.26
C LYS A 179 -10.59 14.10 -7.53
N ILE A 180 -10.21 14.63 -8.68
CA ILE A 180 -10.54 13.98 -9.92
C ILE A 180 -9.51 12.91 -10.29
N LEU A 181 -8.36 12.94 -9.65
CA LEU A 181 -7.25 12.10 -10.13
C LEU A 181 -7.40 10.62 -9.83
N MET A 182 -7.88 10.28 -8.64
CA MET A 182 -8.10 8.89 -8.31
CA MET A 182 -8.11 8.89 -8.29
C MET A 182 -9.23 8.28 -9.16
N PRO A 183 -10.38 8.99 -9.28
CA PRO A 183 -11.42 8.47 -10.17
C PRO A 183 -10.99 8.37 -11.64
N LEU A 184 -10.11 9.25 -12.09
CA LEU A 184 -9.59 9.18 -13.44
C LEU A 184 -8.69 7.97 -13.58
N LEU A 185 -7.85 7.71 -12.58
CA LEU A 185 -7.03 6.51 -12.61
C LEU A 185 -7.93 5.25 -12.76
N GLY A 186 -9.02 5.18 -12.01
CA GLY A 186 -9.91 4.03 -12.06
C GLY A 186 -10.55 3.81 -13.42
N VAL A 187 -11.00 4.90 -14.03
CA VAL A 187 -11.60 4.85 -15.36
C VAL A 187 -10.58 4.39 -16.39
N LEU A 188 -9.37 4.92 -16.31
CA LEU A 188 -8.33 4.50 -17.23
C LEU A 188 -8.01 3.01 -17.05
N LEU A 189 -7.99 2.55 -15.79
CA LEU A 189 -7.74 1.14 -15.50
C LEU A 189 -8.87 0.28 -16.05
N ILE A 190 -10.09 0.79 -15.97
CA ILE A 190 -11.23 0.03 -16.49
C ILE A 190 -11.09 -0.08 -18.01
N ALA A 191 -10.78 1.05 -18.65
CA ALA A 191 -10.60 1.08 -20.11
C ALA A 191 -9.46 0.19 -20.58
N LEU A 192 -8.36 0.20 -19.81
CA LEU A 192 -7.22 -0.65 -20.12
C LEU A 192 -7.52 -2.14 -19.87
N ALA A 193 -8.34 -2.44 -18.86
CA ALA A 193 -8.70 -3.83 -18.59
C ALA A 193 -9.51 -4.37 -19.76
N ILE A 194 -10.47 -3.58 -20.21
CA ILE A 194 -11.29 -3.96 -21.37
C ILE A 194 -10.42 -4.19 -22.61
N TYR A 195 -9.48 -3.27 -22.86
CA TYR A 195 -8.62 -3.42 -24.01
C TYR A 195 -7.74 -4.69 -23.97
N SER A 196 -7.15 -5.01 -22.82
CA SER A 196 -6.29 -6.19 -22.78
C SER A 196 -7.07 -7.50 -22.92
N LEU A 197 -8.35 -7.46 -22.54
CA LEU A 197 -9.28 -8.57 -22.77
C LEU A 197 -9.36 -8.98 -24.25
N THR A 198 -9.09 -8.03 -25.15
CA THR A 198 -9.18 -8.27 -26.59
C THR A 198 -7.87 -8.71 -27.25
N LEU A 199 -6.80 -8.84 -26.48
CA LEU A 199 -5.47 -9.05 -27.03
C LEU A 199 -5.07 -10.50 -27.37
N GLY A 200 -5.89 -11.46 -26.97
CA GLY A 200 -5.63 -12.84 -27.32
C GLY A 200 -5.17 -13.75 -26.19
N GLY A 201 -4.94 -13.21 -25.01
CA GLY A 201 -4.50 -14.01 -23.88
C GLY A 201 -5.54 -14.08 -22.78
N ALA A 202 -6.76 -13.69 -23.11
CA ALA A 202 -7.80 -13.53 -22.11
C ALA A 202 -8.23 -14.84 -21.49
N LYS A 203 -8.42 -15.87 -22.32
CA LYS A 203 -8.82 -17.17 -21.76
C LYS A 203 -7.79 -17.65 -20.74
N GLU A 204 -6.52 -17.58 -21.09
CA GLU A 204 -5.48 -18.05 -20.18
C GLU A 204 -5.25 -17.09 -19.02
N GLY A 205 -5.28 -15.79 -19.28
CA GLY A 205 -5.06 -14.79 -18.24
C GLY A 205 -6.17 -14.76 -17.20
N LEU A 206 -7.41 -14.92 -17.66
CA LEU A 206 -8.58 -14.98 -16.78
C LEU A 206 -8.64 -16.27 -15.98
N ALA A 207 -8.21 -17.37 -16.59
CA ALA A 207 -8.12 -18.64 -15.86
C ALA A 207 -7.02 -18.59 -14.80
N PHE A 208 -5.88 -17.97 -15.11
CA PHE A 208 -4.83 -17.81 -14.11
C PHE A 208 -5.36 -17.03 -12.90
N LEU A 209 -6.14 -16.00 -13.20
CA LEU A 209 -6.60 -15.05 -12.20
C LEU A 209 -7.78 -15.51 -11.35
N PHE A 210 -8.72 -16.24 -11.96
CA PHE A 210 -10.00 -16.53 -11.32
C PHE A 210 -10.35 -18.01 -11.15
N SER A 211 -9.56 -18.91 -11.70
CA SER A 211 -9.85 -20.32 -11.60
C SER A 211 -8.83 -21.00 -10.68
N PRO A 212 -9.24 -21.36 -9.46
CA PRO A 212 -8.25 -21.72 -8.44
C PRO A 212 -7.58 -23.06 -8.69
N ASP A 213 -6.29 -23.13 -8.40
CA ASP A 213 -5.57 -24.39 -8.29
C ASP A 213 -5.11 -24.47 -6.85
N TRP A 214 -5.74 -25.36 -6.08
CA TRP A 214 -5.52 -25.40 -4.64
C TRP A 214 -4.18 -26.01 -4.25
N SER A 215 -3.52 -26.66 -5.20
CA SER A 215 -2.19 -27.22 -4.97
C SER A 215 -1.21 -26.15 -4.45
N ALA A 216 -1.41 -24.91 -4.89
CA ALA A 216 -0.59 -23.79 -4.45
C ALA A 216 -0.78 -23.50 -2.95
N LEU A 217 -1.96 -23.82 -2.43
CA LEU A 217 -2.27 -23.51 -1.03
C LEU A 217 -1.52 -24.38 -0.03
N LYS A 218 -0.94 -25.48 -0.49
CA LYS A 218 -0.20 -26.35 0.42
C LYS A 218 1.24 -25.88 0.59
N ASP A 219 1.47 -24.62 0.21
CA ASP A 219 2.65 -23.87 0.65
C ASP A 219 2.16 -22.80 1.61
N PRO A 220 2.69 -22.79 2.84
CA PRO A 220 2.31 -21.78 3.84
C PRO A 220 2.80 -20.38 3.48
N GLY A 221 3.78 -20.30 2.59
CA GLY A 221 4.27 -19.01 2.13
C GLY A 221 3.19 -18.23 1.42
N VAL A 222 2.27 -18.94 0.78
CA VAL A 222 1.20 -18.29 0.04
C VAL A 222 0.24 -17.56 0.96
N TYR A 223 -0.09 -18.14 2.11
CA TYR A 223 -0.99 -17.48 3.04
C TYR A 223 -0.40 -16.19 3.58
N LEU A 224 0.90 -16.23 3.89
CA LEU A 224 1.59 -15.06 4.43
C LEU A 224 1.78 -13.96 3.39
N ALA A 225 2.02 -14.36 2.14
CA ALA A 225 2.08 -13.42 1.04
C ALA A 225 0.72 -12.77 0.85
N ALA A 226 -0.35 -13.53 1.05
CA ALA A 226 -1.70 -13.00 0.87
C ALA A 226 -2.06 -12.02 1.98
N ILE A 227 -1.71 -12.37 3.21
CA ILE A 227 -2.00 -11.47 4.33
C ILE A 227 -1.14 -10.20 4.28
N SER A 228 0.09 -10.32 3.79
CA SER A 228 1.00 -9.17 3.72
C SER A 228 0.48 -8.15 2.71
N GLN A 229 0.05 -8.67 1.57
CA GLN A 229 -0.53 -7.87 0.50
C GLN A 229 -1.85 -7.26 0.97
N ALA A 230 -2.61 -7.99 1.77
CA ALA A 230 -3.85 -7.44 2.32
C ALA A 230 -3.60 -6.28 3.28
N PHE A 231 -2.62 -6.44 4.17
CA PHE A 231 -2.22 -5.33 5.03
C PHE A 231 -1.60 -4.16 4.24
N PHE A 232 -0.66 -4.48 3.36
CA PHE A 232 0.01 -3.46 2.56
C PHE A 232 -1.03 -2.60 1.80
N THR A 233 -1.90 -3.26 1.05
CA THR A 233 -2.84 -2.54 0.18
C THR A 233 -3.85 -1.68 0.95
N LEU A 234 -4.16 -2.10 2.18
CA LEU A 234 -5.10 -1.40 3.03
C LEU A 234 -4.46 -0.29 3.88
N SER A 235 -3.16 -0.04 3.66
CA SER A 235 -2.39 0.92 4.46
C SER A 235 -2.49 0.55 5.93
N LEU A 236 -2.33 -0.75 6.21
CA LEU A 236 -2.83 -1.30 7.47
C LEU A 236 -1.77 -1.90 8.40
N GLY A 237 -1.97 -1.69 9.71
CA GLY A 237 -1.16 -2.35 10.71
C GLY A 237 -0.01 -1.53 11.26
N MET A 238 0.20 -0.32 10.74
CA MET A 238 1.32 0.48 11.20
C MET A 238 0.87 1.76 11.92
N GLY A 239 -0.43 1.97 12.01
CA GLY A 239 -0.92 3.20 12.61
C GLY A 239 -1.09 4.36 11.63
N ALA A 240 -1.00 4.09 10.33
CA ALA A 240 -1.28 5.13 9.33
C ALA A 240 -2.74 5.58 9.35
N LEU A 241 -3.64 4.64 9.61
CA LEU A 241 -5.07 4.96 9.67
C LEU A 241 -5.46 5.44 11.08
N ILE A 242 -4.68 5.05 12.09
CA ILE A 242 -4.83 5.65 13.41
C ILE A 242 -4.54 7.14 13.29
N THR A 243 -3.49 7.49 12.55
CA THR A 243 -3.06 8.87 12.41
C THR A 243 -4.09 9.71 11.66
N TYR A 244 -4.53 9.22 10.51
CA TYR A 244 -5.58 9.90 9.75
C TYR A 244 -6.86 9.97 10.55
N GLY A 245 -7.12 8.93 11.33
CA GLY A 245 -8.31 8.91 12.17
C GLY A 245 -8.20 9.93 13.28
N SER A 246 -6.99 10.23 13.70
CA SER A 246 -6.80 11.18 14.79
C SER A 246 -7.07 12.64 14.39
N TYR A 247 -7.27 12.89 13.09
CA TYR A 247 -7.57 14.24 12.61
C TYR A 247 -9.06 14.43 12.35
N VAL A 248 -9.83 13.46 12.81
CA VAL A 248 -11.25 13.36 12.52
C VAL A 248 -12.10 13.76 13.71
N SER A 249 -13.18 14.49 13.47
CA SER A 249 -14.07 14.92 14.54
C SER A 249 -15.10 13.84 14.86
N LYS A 250 -15.90 14.06 15.90
CA LYS A 250 -16.98 13.12 16.22
C LYS A 250 -18.09 13.15 15.17
N ASP A 251 -17.98 14.09 14.22
CA ASP A 251 -18.86 14.15 13.05
C ASP A 251 -18.28 13.29 11.94
N SER A 252 -18.41 11.98 12.09
CA SER A 252 -17.92 11.05 11.08
C SER A 252 -18.43 9.66 11.45
N ARG A 253 -18.70 8.85 10.44
CA ARG A 253 -19.19 7.51 10.67
C ARG A 253 -18.12 6.52 10.26
N LEU A 254 -17.51 5.87 11.25
CA LEU A 254 -16.38 4.99 11.00
C LEU A 254 -16.66 3.71 10.21
N PRO A 255 -17.68 2.92 10.59
CA PRO A 255 -17.88 1.66 9.87
C PRO A 255 -18.01 1.83 8.36
N GLY A 256 -18.76 2.84 7.92
CA GLY A 256 -19.00 3.08 6.52
C GLY A 256 -17.71 3.40 5.79
N ALA A 257 -16.85 4.18 6.44
CA ALA A 257 -15.56 4.56 5.88
C ALA A 257 -14.68 3.34 5.67
N ALA A 258 -14.60 2.48 6.68
CA ALA A 258 -13.76 1.28 6.62
C ALA A 258 -14.20 0.39 5.48
N VAL A 259 -15.50 0.16 5.39
CA VAL A 259 -16.04 -0.65 4.31
C VAL A 259 -15.78 -0.03 2.94
N SER A 260 -15.99 1.27 2.82
CA SER A 260 -15.75 1.96 1.54
C SER A 260 -14.31 1.89 1.08
N VAL A 261 -13.39 2.10 2.03
CA VAL A 261 -11.97 2.06 1.77
C VAL A 261 -11.58 0.67 1.28
N ALA A 262 -12.02 -0.37 1.99
CA ALA A 262 -11.66 -1.72 1.57
C ALA A 262 -12.33 -2.10 0.24
N GLY A 263 -13.59 -1.73 0.06
CA GLY A 263 -14.29 -2.05 -1.17
C GLY A 263 -13.61 -1.40 -2.37
N LEU A 264 -13.33 -0.11 -2.25
CA LEU A 264 -12.76 0.63 -3.38
C LEU A 264 -11.34 0.15 -3.69
N ASP A 265 -10.58 -0.11 -2.63
CA ASP A 265 -9.22 -0.59 -2.83
C ASP A 265 -9.22 -1.95 -3.52
N THR A 266 -10.19 -2.78 -3.19
CA THR A 266 -10.31 -4.09 -3.81
C THR A 266 -10.73 -3.98 -5.27
N ALA A 267 -11.67 -3.08 -5.56
CA ALA A 267 -12.06 -2.84 -6.95
C ALA A 267 -10.83 -2.52 -7.81
N PHE A 268 -10.02 -1.57 -7.33
CA PHE A 268 -8.80 -1.19 -8.04
C PHE A 268 -7.89 -2.38 -8.30
N ALA A 269 -7.64 -3.21 -7.28
CA ALA A 269 -6.75 -4.35 -7.45
C ALA A 269 -7.30 -5.40 -8.44
N ILE A 270 -8.59 -5.70 -8.33
CA ILE A 270 -9.22 -6.65 -9.23
C ILE A 270 -9.11 -6.21 -10.69
N ILE A 271 -9.47 -4.96 -10.96
CA ILE A 271 -9.39 -4.42 -12.32
C ILE A 271 -7.91 -4.38 -12.82
N ALA A 272 -7.01 -4.06 -11.91
CA ALA A 272 -5.59 -4.04 -12.25
C ALA A 272 -5.17 -5.44 -12.71
N GLY A 273 -5.62 -6.44 -11.97
CA GLY A 273 -5.35 -7.83 -12.33
C GLY A 273 -5.94 -8.24 -13.67
N ILE A 274 -7.15 -7.77 -13.97
CA ILE A 274 -7.78 -8.09 -15.26
C ILE A 274 -7.05 -7.39 -16.41
N MET A 275 -6.46 -6.24 -16.12
CA MET A 275 -5.63 -5.57 -17.12
C MET A 275 -4.36 -6.39 -17.35
N ILE A 276 -3.61 -6.62 -16.27
CA ILE A 276 -2.25 -7.18 -16.37
C ILE A 276 -2.14 -8.62 -16.91
N PHE A 277 -2.89 -9.57 -16.33
CA PHE A 277 -2.70 -10.99 -16.66
C PHE A 277 -3.07 -11.48 -18.05
N PRO A 278 -4.23 -11.06 -18.58
CA PRO A 278 -4.44 -11.37 -19.99
C PRO A 278 -3.35 -10.74 -20.87
N ALA A 279 -2.81 -9.59 -20.45
CA ALA A 279 -1.71 -8.98 -21.18
C ALA A 279 -0.43 -9.79 -21.04
N VAL A 280 -0.11 -10.21 -19.81
CA VAL A 280 1.03 -11.09 -19.57
C VAL A 280 0.96 -12.30 -20.50
N PHE A 281 -0.23 -12.89 -20.59
CA PHE A 281 -0.41 -14.11 -21.36
C PHE A 281 -0.40 -13.89 -22.86
N ALA A 282 -0.97 -12.79 -23.32
CA ALA A 282 -0.88 -12.44 -24.74
C ALA A 282 0.56 -12.20 -25.17
N LEU A 283 1.39 -11.71 -24.25
CA LEU A 283 2.79 -11.42 -24.57
C LEU A 283 3.71 -12.63 -24.39
N GLY A 284 3.19 -13.73 -23.90
CA GLY A 284 4.02 -14.92 -23.73
C GLY A 284 4.92 -14.88 -22.51
N LEU A 285 4.75 -13.87 -21.66
CA LEU A 285 5.62 -13.70 -20.50
C LEU A 285 5.21 -14.58 -19.34
N SER A 286 6.15 -14.82 -18.44
CA SER A 286 5.87 -15.52 -17.20
C SER A 286 5.22 -14.59 -16.19
N PRO A 287 4.15 -15.06 -15.53
CA PRO A 287 3.52 -14.20 -14.52
C PRO A 287 4.37 -14.05 -13.26
N SER A 288 5.39 -14.90 -13.10
CA SER A 288 6.29 -14.87 -11.94
C SER A 288 7.44 -13.87 -12.05
N GLY A 289 7.38 -12.99 -13.04
CA GLY A 289 8.47 -12.06 -13.32
C GLY A 289 9.02 -11.14 -12.22
N GLY A 290 8.40 -11.10 -11.07
CA GLY A 290 8.90 -10.24 -10.01
C GLY A 290 8.59 -8.76 -10.15
N PRO A 291 9.20 -7.93 -9.29
CA PRO A 291 8.79 -6.54 -9.09
C PRO A 291 8.71 -5.64 -10.33
N GLY A 292 9.41 -5.97 -11.40
CA GLY A 292 9.36 -5.16 -12.61
C GLY A 292 8.25 -5.53 -13.59
N LEU A 293 7.48 -6.55 -13.23
CA LEU A 293 6.39 -7.08 -14.08
C LEU A 293 5.59 -6.03 -14.87
N VAL A 294 5.00 -5.05 -14.19
CA VAL A 294 4.14 -4.08 -14.86
C VAL A 294 4.90 -3.07 -15.73
N PHE A 295 6.13 -2.74 -15.32
CA PHE A 295 7.03 -1.87 -16.06
C PHE A 295 7.51 -2.51 -17.36
N VAL A 296 7.46 -3.83 -17.42
CA VAL A 296 7.76 -4.54 -18.64
C VAL A 296 6.49 -4.72 -19.49
N VAL A 297 5.38 -5.04 -18.82
CA VAL A 297 4.14 -5.35 -19.53
C VAL A 297 3.39 -4.12 -20.07
N LEU A 298 3.14 -3.14 -19.22
CA LEU A 298 2.35 -1.97 -19.62
C LEU A 298 2.88 -1.22 -20.86
N PRO A 299 4.19 -0.93 -20.90
CA PRO A 299 4.68 -0.24 -22.11
C PRO A 299 4.49 -1.09 -23.39
N ASP A 300 4.58 -2.40 -23.28
CA ASP A 300 4.24 -3.30 -24.39
C ASP A 300 2.79 -3.12 -24.83
N ILE A 301 1.89 -3.02 -23.86
CA ILE A 301 0.48 -2.85 -24.15
C ILE A 301 0.20 -1.49 -24.79
N PHE A 302 0.83 -0.44 -24.27
CA PHE A 302 0.64 0.90 -24.83
C PHE A 302 1.18 0.96 -26.26
N ASP A 303 2.28 0.25 -26.49
CA ASP A 303 2.93 0.25 -27.79
C ASP A 303 2.03 -0.34 -28.88
N SER A 304 1.10 -1.21 -28.50
CA SER A 304 0.19 -1.84 -29.46
C SER A 304 -1.00 -0.95 -29.83
N ILE A 305 -1.16 0.15 -29.11
CA ILE A 305 -2.22 1.12 -29.34
C ILE A 305 -1.63 2.23 -30.20
N ARG A 306 -2.42 2.74 -31.13
CA ARG A 306 -1.94 3.78 -32.03
C ARG A 306 -1.64 5.05 -31.23
N LEU A 307 -2.60 5.43 -30.38
CA LEU A 307 -2.45 6.61 -29.53
C LEU A 307 -1.83 6.26 -28.18
N GLY A 308 -1.13 5.13 -28.15
CA GLY A 308 -0.52 4.61 -26.94
C GLY A 308 0.41 5.54 -26.17
N PRO A 309 1.22 6.35 -26.86
CA PRO A 309 2.05 7.27 -26.07
C PRO A 309 1.22 8.22 -25.21
N ILE A 310 0.04 8.61 -25.70
CA ILE A 310 -0.85 9.46 -24.93
C ILE A 310 -1.38 8.70 -23.70
N VAL A 311 -1.74 7.44 -23.89
CA VAL A 311 -2.21 6.59 -22.81
C VAL A 311 -1.11 6.43 -21.74
N GLY A 312 0.11 6.16 -22.20
CA GLY A 312 1.26 6.06 -21.32
C GLY A 312 1.43 7.31 -20.46
N ILE A 313 1.35 8.48 -21.08
CA ILE A 313 1.46 9.72 -20.32
C ILE A 313 0.37 9.84 -19.26
N ALA A 314 -0.87 9.54 -19.65
CA ALA A 314 -1.99 9.62 -18.72
C ALA A 314 -1.82 8.65 -17.56
N PHE A 315 -1.38 7.42 -17.87
CA PHE A 315 -1.25 6.36 -16.88
C PHE A 315 -0.22 6.68 -15.82
N PHE A 316 0.98 7.06 -16.27
CA PHE A 316 2.06 7.29 -15.34
C PHE A 316 1.86 8.57 -14.54
N ILE A 317 1.16 9.54 -15.13
CA ILE A 317 0.76 10.73 -14.38
C ILE A 317 -0.19 10.32 -13.26
N LEU A 318 -1.25 9.62 -13.63
CA LEU A 318 -2.30 9.29 -12.69
C LEU A 318 -1.85 8.31 -11.58
N LEU A 319 -1.01 7.35 -11.95
CA LEU A 319 -0.45 6.43 -10.96
C LEU A 319 0.55 7.15 -10.06
N GLY A 320 1.23 8.15 -10.62
CA GLY A 320 2.16 8.95 -9.87
C GLY A 320 1.47 9.76 -8.79
N ALA A 321 0.33 10.35 -9.15
CA ALA A 321 -0.46 11.09 -8.19
C ALA A 321 -0.99 10.18 -7.09
N ALA A 322 -1.30 8.94 -7.45
CA ALA A 322 -1.80 7.96 -6.48
C ALA A 322 -0.68 7.48 -5.54
N ALA A 323 0.49 7.22 -6.10
CA ALA A 323 1.67 6.87 -5.31
C ALA A 323 2.02 8.02 -4.35
N LEU A 324 1.83 9.25 -4.81
CA LEU A 324 2.11 10.45 -4.01
C LEU A 324 1.21 10.55 -2.76
N SER A 325 -0.10 10.36 -2.93
CA SER A 325 -1.00 10.43 -1.79
C SER A 325 -0.72 9.29 -0.81
N SER A 326 -0.29 8.14 -1.31
CA SER A 326 0.01 7.01 -0.45
C SER A 326 1.32 7.25 0.31
N ALA A 327 2.33 7.77 -0.39
CA ALA A 327 3.61 8.12 0.23
C ALA A 327 3.48 9.14 1.36
N VAL A 328 2.65 10.15 1.14
CA VAL A 328 2.35 11.18 2.14
C VAL A 328 1.77 10.57 3.44
N SER A 329 0.88 9.60 3.30
CA SER A 329 0.34 8.94 4.48
C SER A 329 1.41 8.12 5.22
N LEU A 330 2.34 7.53 4.48
CA LEU A 330 3.46 6.81 5.09
C LEU A 330 4.38 7.76 5.87
N LEU A 331 4.71 8.88 5.25
CA LEU A 331 5.59 9.86 5.90
C LEU A 331 4.91 10.50 7.12
N GLU A 332 3.58 10.55 7.08
CA GLU A 332 2.84 11.20 8.15
C GLU A 332 2.98 10.46 9.49
N VAL A 333 3.21 9.15 9.42
CA VAL A 333 3.35 8.35 10.64
C VAL A 333 4.57 8.71 11.52
N PRO A 334 5.81 8.64 10.98
CA PRO A 334 6.92 9.11 11.81
C PRO A 334 6.84 10.60 12.09
N VAL A 335 6.36 11.39 11.14
CA VAL A 335 6.32 12.83 11.36
C VAL A 335 5.44 13.18 12.54
N ALA A 336 4.25 12.60 12.60
CA ALA A 336 3.30 12.91 13.67
C ALA A 336 3.90 12.55 15.01
N TYR A 337 4.59 11.41 15.04
CA TYR A 337 5.19 10.88 16.25
C TYR A 337 6.34 11.73 16.75
N PHE A 338 7.21 12.12 15.83
CA PHE A 338 8.37 12.94 16.17
C PHE A 338 7.98 14.35 16.57
N MET A 339 6.93 14.88 15.94
CA MET A 339 6.42 16.18 16.33
C MET A 339 6.06 16.18 17.80
N ARG A 340 5.22 15.22 18.21
CA ARG A 340 4.84 15.09 19.61
C ARG A 340 5.98 14.74 20.56
N LYS A 341 6.72 13.68 20.23
CA LYS A 341 7.73 13.15 21.15
C LYS A 341 8.92 14.08 21.39
N PHE A 342 9.28 14.88 20.39
CA PHE A 342 10.48 15.69 20.49
C PHE A 342 10.27 17.18 20.23
N ASP A 343 9.01 17.58 20.18
CA ASP A 343 8.65 18.96 19.89
C ASP A 343 9.26 19.53 18.62
N TRP A 344 9.51 18.65 17.66
CA TRP A 344 9.90 19.08 16.33
C TRP A 344 8.73 19.74 15.62
N SER A 345 9.01 20.83 14.92
CA SER A 345 8.05 21.46 14.03
C SER A 345 7.73 20.50 12.87
N ARG A 346 6.56 20.65 12.27
CA ARG A 346 6.15 19.79 11.16
C ARG A 346 7.15 19.83 10.00
N LYS A 347 7.57 21.04 9.62
CA LYS A 347 8.49 21.20 8.52
C LYS A 347 9.83 20.54 8.82
N GLN A 348 10.29 20.67 10.05
CA GLN A 348 11.56 20.12 10.47
C GLN A 348 11.50 18.59 10.50
N ALA A 349 10.45 18.05 11.07
CA ALA A 349 10.25 16.59 11.07
C ALA A 349 10.14 16.03 9.64
N ALA A 350 9.33 16.66 8.81
CA ALA A 350 9.14 16.20 7.43
C ALA A 350 10.45 16.16 6.61
N ILE A 351 11.23 17.24 6.72
CA ILE A 351 12.47 17.32 5.97
C ILE A 351 13.48 16.34 6.52
N THR A 352 13.63 16.30 7.85
CA THR A 352 14.64 15.47 8.48
C THR A 352 14.36 13.98 8.26
N LEU A 353 13.15 13.55 8.59
CA LEU A 353 12.82 12.14 8.48
C LEU A 353 12.76 11.74 7.02
N GLY A 354 12.24 12.62 6.18
CA GLY A 354 12.16 12.35 4.76
C GLY A 354 13.50 12.12 4.10
N VAL A 355 14.50 12.95 4.44
CA VAL A 355 15.84 12.72 3.93
C VAL A 355 16.42 11.39 4.44
N ILE A 356 16.23 11.12 5.74
CA ILE A 356 16.72 9.89 6.33
C ILE A 356 16.10 8.68 5.63
N ILE A 357 14.80 8.74 5.39
CA ILE A 357 14.10 7.65 4.72
C ILE A 357 14.54 7.50 3.26
N THR A 358 14.84 8.63 2.61
CA THR A 358 15.37 8.55 1.25
C THR A 358 16.71 7.80 1.21
N LEU A 359 17.62 8.17 2.11
CA LEU A 359 18.93 7.55 2.21
C LEU A 359 18.83 6.08 2.55
N LEU A 360 17.89 5.77 3.43
CA LEU A 360 17.61 4.39 3.79
C LEU A 360 17.16 3.63 2.55
N GLY A 361 16.44 4.34 1.68
CA GLY A 361 15.92 3.71 0.48
C GLY A 361 17.01 3.36 -0.53
N ILE A 362 18.11 4.11 -0.49
CA ILE A 362 19.16 3.99 -1.50
C ILE A 362 19.77 2.58 -1.69
N PRO A 363 20.03 1.83 -0.60
CA PRO A 363 20.52 0.47 -0.80
C PRO A 363 19.46 -0.48 -1.36
N SER A 364 18.19 -0.18 -1.17
CA SER A 364 17.16 -1.01 -1.79
C SER A 364 17.15 -0.80 -3.31
N SER A 365 17.29 0.45 -3.73
CA SER A 365 17.41 0.77 -5.14
C SER A 365 18.62 0.05 -5.74
N LEU A 366 19.77 0.18 -5.07
CA LEU A 366 21.00 -0.47 -5.51
C LEU A 366 20.90 -2.00 -5.54
N SER A 367 20.03 -2.60 -4.74
CA SER A 367 19.93 -4.05 -4.79
C SER A 367 19.40 -4.59 -6.11
N PHE A 368 18.87 -3.70 -6.96
CA PHE A 368 18.41 -4.14 -8.29
C PHE A 368 19.54 -4.14 -9.31
N GLY A 369 20.74 -3.77 -8.86
CA GLY A 369 21.90 -3.70 -9.75
C GLY A 369 23.17 -4.14 -9.04
N VAL A 370 24.06 -3.18 -8.75
CA VAL A 370 25.37 -3.49 -8.15
C VAL A 370 25.32 -4.22 -6.81
N LEU A 371 24.25 -4.06 -6.03
CA LEU A 371 24.14 -4.80 -4.77
C LEU A 371 23.27 -6.05 -4.89
N GLY A 372 23.05 -6.51 -6.13
CA GLY A 372 22.15 -7.63 -6.39
C GLY A 372 22.50 -8.93 -5.68
N GLU A 373 23.71 -9.06 -5.16
CA GLU A 373 24.16 -10.32 -4.61
C GLU A 373 24.29 -10.29 -3.08
N VAL A 374 24.07 -9.12 -2.50
CA VAL A 374 24.06 -8.98 -1.04
C VAL A 374 22.75 -9.52 -0.45
N THR A 375 22.83 -10.23 0.67
CA THR A 375 21.64 -10.64 1.39
C THR A 375 21.63 -10.04 2.79
N ILE A 376 20.46 -10.00 3.39
CA ILE A 376 20.31 -9.65 4.79
C ILE A 376 19.59 -10.83 5.44
N ILE A 377 18.27 -10.89 5.29
CA ILE A 377 17.59 -12.13 5.60
C ILE A 377 18.10 -13.16 4.63
N PRO A 378 18.47 -14.34 5.13
CA PRO A 378 19.01 -15.46 4.34
C PRO A 378 18.28 -15.64 3.02
N GLY A 379 19.00 -15.53 1.91
CA GLY A 379 18.43 -15.73 0.59
C GLY A 379 17.69 -14.56 -0.01
N LEU A 380 17.47 -13.50 0.75
CA LEU A 380 16.73 -12.35 0.25
C LEU A 380 17.65 -11.15 0.03
N ASN A 381 17.54 -10.49 -1.12
CA ASN A 381 18.36 -9.30 -1.33
C ASN A 381 17.90 -8.16 -0.41
N ILE A 382 18.47 -6.97 -0.55
CA ILE A 382 18.16 -5.90 0.40
C ILE A 382 16.71 -5.41 0.31
N PHE A 383 16.26 -5.14 -0.91
CA PHE A 383 14.86 -4.80 -1.18
C PHE A 383 13.89 -5.85 -0.63
N ASP A 384 14.11 -7.11 -0.98
CA ASP A 384 13.23 -8.19 -0.53
C ASP A 384 13.27 -8.36 0.98
N SER A 385 14.40 -8.04 1.61
CA SER A 385 14.53 -8.18 3.06
C SER A 385 13.77 -7.09 3.80
N VAL A 386 13.90 -5.86 3.32
CA VAL A 386 13.22 -4.73 3.94
C VAL A 386 11.69 -4.93 3.82
N ASP A 387 11.24 -5.34 2.64
CA ASP A 387 9.83 -5.62 2.39
C ASP A 387 9.31 -6.77 3.26
N PHE A 388 10.08 -7.87 3.31
CA PHE A 388 9.68 -9.01 4.13
C PHE A 388 9.49 -8.61 5.60
N ILE A 389 10.48 -7.92 6.16
CA ILE A 389 10.44 -7.49 7.56
C ILE A 389 9.27 -6.55 7.82
N ALA A 390 9.16 -5.51 7.00
CA ALA A 390 8.09 -4.53 7.19
C ALA A 390 6.69 -5.09 6.84
N SER A 391 6.53 -5.67 5.65
CA SER A 391 5.21 -6.03 5.17
C SER A 391 4.69 -7.37 5.69
N SER A 392 5.61 -8.31 5.91
CA SER A 392 5.24 -9.68 6.32
C SER A 392 5.46 -9.94 7.81
N VAL A 393 6.20 -9.07 8.49
CA VAL A 393 6.39 -9.20 9.92
C VAL A 393 5.75 -8.05 10.70
N PHE A 394 6.17 -6.83 10.46
CA PHE A 394 5.68 -5.71 11.26
C PHE A 394 4.20 -5.43 11.05
N LEU A 395 3.73 -5.43 9.80
CA LEU A 395 2.33 -5.09 9.53
C LEU A 395 1.33 -6.08 10.11
N PRO A 396 1.48 -7.39 9.82
CA PRO A 396 0.51 -8.33 10.43
C PRO A 396 0.61 -8.44 11.95
N LEU A 397 1.80 -8.29 12.52
CA LEU A 397 1.98 -8.34 13.98
C LEU A 397 1.33 -7.13 14.63
N GLY A 398 1.62 -5.95 14.08
CA GLY A 398 0.99 -4.71 14.52
C GLY A 398 -0.52 -4.81 14.46
N GLY A 399 -1.03 -5.39 13.37
CA GLY A 399 -2.45 -5.57 13.20
C GLY A 399 -3.02 -6.47 14.27
N MET A 400 -2.28 -7.52 14.60
CA MET A 400 -2.68 -8.47 15.65
C MET A 400 -2.82 -7.76 17.00
N ILE A 401 -1.78 -7.04 17.38
CA ILE A 401 -1.80 -6.29 18.63
C ILE A 401 -2.93 -5.27 18.66
N ILE A 402 -3.13 -4.54 17.57
CA ILE A 402 -4.23 -3.59 17.45
C ILE A 402 -5.59 -4.26 17.65
N ALA A 403 -5.76 -5.43 17.03
CA ALA A 403 -7.00 -6.20 17.19
C ALA A 403 -7.20 -6.69 18.63
N LEU A 404 -6.15 -7.24 19.23
CA LEU A 404 -6.21 -7.73 20.61
C LEU A 404 -6.52 -6.58 21.57
N PHE A 405 -5.94 -5.42 21.30
CA PHE A 405 -6.12 -4.23 22.13
C PHE A 405 -7.60 -3.88 22.32
N ILE A 406 -8.33 -3.66 21.23
CA ILE A 406 -9.75 -3.38 21.34
C ILE A 406 -10.53 -4.59 21.84
N GLY A 407 -10.20 -5.75 21.27
CA GLY A 407 -10.88 -6.99 21.60
C GLY A 407 -10.83 -7.40 23.08
N TRP A 408 -9.66 -7.26 23.70
CA TRP A 408 -9.46 -7.74 25.06
C TRP A 408 -9.15 -6.64 26.06
N GLY A 409 -8.56 -5.55 25.59
CA GLY A 409 -8.20 -4.45 26.46
C GLY A 409 -9.24 -3.34 26.60
N TRP A 410 -10.32 -3.41 25.84
CA TRP A 410 -11.40 -2.40 25.95
C TRP A 410 -12.68 -3.00 26.50
N LYS A 411 -13.45 -2.18 27.21
CA LYS A 411 -14.83 -2.52 27.53
C LYS A 411 -15.59 -2.59 26.22
N THR A 412 -16.44 -3.61 26.08
CA THR A 412 -17.18 -3.80 24.83
C THR A 412 -18.08 -2.61 24.51
N SER A 413 -18.73 -2.05 25.53
CA SER A 413 -19.62 -0.91 25.35
C SER A 413 -18.88 0.31 24.77
N ASP A 414 -17.63 0.49 25.19
CA ASP A 414 -16.75 1.52 24.65
C ASP A 414 -16.34 1.24 23.21
N ALA A 415 -15.82 0.04 22.96
CA ALA A 415 -15.42 -0.39 21.62
C ALA A 415 -16.51 -0.12 20.59
N LEU A 416 -17.75 -0.44 20.95
CA LEU A 416 -18.89 -0.26 20.09
C LEU A 416 -19.31 1.20 19.95
N ALA A 417 -19.39 1.92 21.07
CA ALA A 417 -19.74 3.33 21.02
C ALA A 417 -18.71 4.14 20.22
N GLU A 418 -17.43 3.92 20.51
CA GLU A 418 -16.37 4.66 19.82
C GLU A 418 -16.23 4.35 18.34
N SER A 419 -16.87 3.28 17.90
CA SER A 419 -16.75 2.87 16.51
C SER A 419 -18.06 3.06 15.77
N ASP A 420 -19.00 3.76 16.40
CA ASP A 420 -20.32 4.01 15.80
C ASP A 420 -21.07 2.72 15.46
N LEU A 421 -20.79 1.65 16.21
CA LEU A 421 -21.54 0.41 16.07
C LEU A 421 -22.37 0.18 17.35
N THR A 422 -23.37 -0.69 17.27
CA THR A 422 -24.11 -1.08 18.46
C THR A 422 -24.04 -2.60 18.58
N ASP A 423 -24.64 -3.14 19.62
CA ASP A 423 -24.56 -4.57 19.87
C ASP A 423 -25.50 -5.35 18.95
N SER A 424 -25.48 -4.98 17.67
CA SER A 424 -26.22 -5.66 16.63
C SER A 424 -25.37 -6.78 16.08
N VAL A 425 -25.89 -7.45 15.05
CA VAL A 425 -25.14 -8.50 14.37
C VAL A 425 -23.77 -8.01 13.89
N TRP A 426 -23.74 -6.82 13.28
CA TRP A 426 -22.48 -6.29 12.78
C TRP A 426 -21.49 -5.92 13.88
N GLY A 427 -21.97 -5.27 14.93
CA GLY A 427 -21.11 -4.94 16.06
C GLY A 427 -20.52 -6.19 16.68
N LYS A 428 -21.37 -7.21 16.85
CA LYS A 428 -20.95 -8.52 17.37
C LYS A 428 -19.97 -9.19 16.42
N LEU A 429 -20.27 -9.14 15.12
CA LEU A 429 -19.34 -9.70 14.14
C LEU A 429 -17.98 -8.99 14.26
N TRP A 430 -18.02 -7.66 14.43
CA TRP A 430 -16.79 -6.86 14.51
C TRP A 430 -15.94 -7.25 15.71
N ILE A 431 -16.58 -7.26 16.87
CA ILE A 431 -15.93 -7.64 18.13
C ILE A 431 -15.37 -9.07 18.06
N LEU A 432 -16.11 -9.99 17.45
CA LEU A 432 -15.63 -11.37 17.31
C LEU A 432 -14.37 -11.43 16.46
N SER A 433 -14.36 -10.66 15.36
CA SER A 433 -13.19 -10.54 14.49
C SER A 433 -11.93 -10.16 15.26
N LEU A 434 -12.05 -9.11 16.06
CA LEU A 434 -10.91 -8.57 16.78
C LEU A 434 -10.41 -9.46 17.91
N ARG A 435 -11.35 -10.06 18.63
CA ARG A 435 -11.00 -10.93 19.76
C ARG A 435 -10.41 -12.26 19.35
N PHE A 436 -10.86 -12.77 18.22
CA PHE A 436 -10.51 -14.13 17.90
C PHE A 436 -10.22 -14.39 16.43
N ILE A 437 -11.11 -14.05 15.51
CA ILE A 437 -10.89 -14.48 14.11
C ILE A 437 -9.60 -13.91 13.53
N ALA A 438 -9.48 -12.59 13.57
CA ALA A 438 -8.30 -11.92 13.01
C ALA A 438 -7.01 -12.31 13.73
N PRO A 439 -6.94 -12.11 15.06
CA PRO A 439 -5.63 -12.38 15.65
C PRO A 439 -5.23 -13.87 15.62
N ILE A 440 -6.20 -14.77 15.58
CA ILE A 440 -5.87 -16.19 15.54
C ILE A 440 -5.44 -16.59 14.12
N ALA A 441 -6.08 -16.01 13.11
CA ALA A 441 -5.70 -16.31 11.74
C ALA A 441 -4.28 -15.84 11.46
N ILE A 442 -3.93 -14.66 11.98
CA ILE A 442 -2.59 -14.12 11.81
C ILE A 442 -1.57 -15.00 12.54
N LEU A 443 -1.90 -15.37 13.77
CA LEU A 443 -1.06 -16.28 14.53
C LEU A 443 -0.80 -17.58 13.77
N ILE A 444 -1.86 -18.19 13.28
CA ILE A 444 -1.78 -19.45 12.54
C ILE A 444 -0.96 -19.32 11.24
N VAL A 445 -1.09 -18.19 10.57
CA VAL A 445 -0.28 -17.94 9.38
C VAL A 445 1.19 -17.84 9.75
N PHE A 446 1.49 -17.12 10.83
CA PHE A 446 2.88 -16.95 11.29
C PHE A 446 3.49 -18.30 11.66
N LEU A 447 2.75 -19.06 12.48
CA LEU A 447 3.24 -20.35 12.95
C LEU A 447 3.48 -21.31 11.79
N SER A 448 2.55 -21.34 10.84
CA SER A 448 2.66 -22.28 9.72
C SER A 448 3.78 -21.89 8.75
N ALA A 449 3.90 -20.60 8.46
CA ALA A 449 4.91 -20.10 7.53
C ALA A 449 6.33 -20.20 8.08
N PHE A 450 6.45 -20.30 9.41
CA PHE A 450 7.75 -20.53 10.02
C PHE A 450 7.76 -21.90 10.70
N TRP B . -1.72 1.30 0.71
CA TRP B . -0.76 1.89 -0.23
C TRP B . -0.64 1.09 -1.52
O TRP B . 0.19 1.46 -2.38
CB TRP B . 0.64 2.06 0.42
CG TRP B . 0.59 2.57 1.82
CD1 TRP B . 0.33 3.85 2.23
CD2 TRP B . 0.78 1.79 3.01
NE1 TRP B . 0.35 3.91 3.61
CE2 TRP B . 0.61 2.66 4.11
CE3 TRP B . 1.05 0.44 3.26
CZ2 TRP B . 0.73 2.22 5.44
CZ3 TRP B . 1.18 0.00 4.57
CH2 TRP B . 1.01 0.90 5.65
OXT TRP B . -1.35 0.10 -1.73
NA NA C . -2.69 7.06 -2.95
NA NA D . -3.81 -0.23 -1.94
C1 BNG E . -12.31 -21.05 -17.24
C2 BNG E . -12.08 -20.94 -18.72
C3 BNG E . -12.65 -22.09 -19.40
C4 BNG E . -12.10 -23.35 -18.91
C5 BNG E . -12.08 -23.48 -17.41
C6 BNG E . -11.13 -24.52 -17.05
C1' BNG E . -12.55 -19.58 -15.37
C2' BNG E . -12.33 -18.18 -14.78
C3' BNG E . -12.77 -17.01 -15.67
C4' BNG E . -13.89 -16.13 -15.14
C5' BNG E . -13.67 -14.63 -15.23
C6' BNG E . -14.74 -13.78 -15.91
C7' BNG E . -14.56 -12.28 -15.80
C8' BNG E . -14.42 -11.49 -17.11
C9' BNG E . -14.29 -10.00 -17.01
O1 BNG E . -11.87 -19.93 -16.55
O2 BNG E . -12.61 -19.71 -19.23
O3 BNG E . -12.48 -22.03 -20.84
O4 BNG E . -12.84 -24.44 -19.48
O5 BNG E . -11.69 -22.25 -16.72
O6 BNG E . -9.88 -24.08 -16.60
C1 BNG F . -13.95 -21.87 -12.47
C2 BNG F . -13.45 -22.69 -11.31
C3 BNG F . -14.21 -23.93 -11.15
C4 BNG F . -14.15 -24.77 -12.35
C5 BNG F . -14.14 -23.98 -13.64
C6 BNG F . -14.80 -24.71 -14.72
C1' BNG F . -14.08 -19.76 -11.36
C2' BNG F . -14.60 -18.37 -11.75
C3' BNG F . -15.46 -17.65 -10.70
C4' BNG F . -15.01 -16.25 -10.31
C5' BNG F . -15.17 -15.16 -11.36
C6' BNG F . -14.72 -13.75 -10.95
C7' BNG F . -14.91 -12.61 -11.94
C8' BNG F . -15.42 -11.29 -11.38
C9' BNG F . -15.31 -10.05 -12.24
O1 BNG F . -14.72 -20.84 -11.99
O2 BNG F . -12.05 -22.97 -11.42
O3 BNG F . -15.60 -23.69 -10.79
O4 BNG F . -12.95 -25.51 -12.26
O5 BNG F . -14.73 -22.66 -13.44
O6 BNG F . -15.02 -26.07 -14.54
C1 BNG G . -9.20 -3.48 -30.32
C2 BNG G . -8.78 -4.90 -30.59
C3 BNG G . -8.52 -5.17 -32.00
C4 BNG G . -9.67 -4.80 -32.81
C5 BNG G . -9.91 -3.31 -32.72
C6 BNG G . -11.13 -2.93 -33.44
C1' BNG G . -10.07 -2.18 -28.50
C2' BNG G . -10.92 -2.11 -27.23
C3' BNG G . -11.32 -0.70 -26.74
C4' BNG G . -11.98 -0.59 -25.37
C5' BNG G . -12.02 0.77 -24.70
C6' BNG G . -13.22 1.04 -23.80
C7' BNG G . -13.20 2.26 -22.91
C8' BNG G . -14.24 2.27 -21.78
C9' BNG G . -14.52 3.56 -21.05
O1 BNG G . -9.88 -3.43 -29.11
O2 BNG G . -7.63 -5.22 -29.76
O3 BNG G . -8.24 -6.57 -32.28
O4 BNG G . -9.47 -5.24 -34.14
O5 BNG G . -10.06 -2.86 -31.34
O6 BNG G . -12.37 -3.18 -32.85
C1B LMU H . 20.55 6.39 -19.68
C2B LMU H . 21.91 5.83 -19.89
C3B LMU H . 22.01 4.42 -19.46
C4B LMU H . 20.84 4.01 -18.69
C5B LMU H . 19.61 4.13 -19.54
C6B LMU H . 18.40 3.64 -18.84
O1B LMU H . 20.46 7.65 -20.28
O2B LMU H . 22.28 5.97 -21.26
O3B LMU H . 23.24 4.20 -18.70
O4' LMU H . 20.99 2.73 -18.15
O5B LMU H . 19.46 5.47 -20.08
O6B LMU H . 17.77 2.55 -19.42
C1' LMU H . 19.35 10.87 -17.80
C2' LMU H . 20.81 10.41 -17.84
C3' LMU H . 21.14 9.53 -19.00
C4' LMU H . 20.06 8.59 -19.30
C5' LMU H . 18.79 9.31 -19.73
C6' LMU H . 17.61 8.43 -19.63
O1' LMU H . 19.29 12.19 -17.55
O2' LMU H . 21.73 11.48 -17.71
O3' LMU H . 22.34 8.81 -18.74
O5' LMU H . 18.53 10.57 -18.99
O6' LMU H . 16.38 9.04 -19.46
C1 LMU H . 18.36 12.66 -16.61
C2 LMU H . 17.96 14.13 -16.66
C3 LMU H . 16.47 14.46 -16.58
C4 LMU H . 16.07 15.51 -15.55
C5 LMU H . 15.17 16.66 -16.01
C6 LMU H . 14.25 17.29 -14.96
C7 LMU H . 12.78 16.97 -15.08
C8 LMU H . 11.89 17.10 -13.81
C9 LMU H . 10.86 16.02 -13.54
C10 LMU H . 9.70 15.78 -14.56
C11 LMU H . 8.55 14.86 -14.13
C12 LMU H . 8.65 13.40 -14.53
O1' LMU I . 24.03 9.32 -14.65
C1 LMU I . 22.86 9.37 -13.88
C2 LMU I . 22.40 10.74 -13.37
C3 LMU I . 21.49 11.55 -14.28
C4 LMU I . 20.48 12.51 -13.64
C5 LMU I . 21.06 13.70 -12.85
C6 LMU I . 20.37 15.06 -12.96
C7 LMU I . 20.87 16.21 -12.09
C8 LMU I . 21.92 15.94 -10.97
C9 LMU I . 21.47 15.31 -9.66
C10 LMU I . 20.82 16.20 -8.55
C11 LMU I . 20.28 15.51 -7.29
C12 LMU I . 18.84 15.78 -6.86
O1' LMU J . 23.17 11.60 -10.51
C1 LMU J . 22.20 11.46 -9.50
C2 LMU J . 22.70 11.37 -8.06
C3 LMU J . 21.76 10.76 -7.03
C4 LMU J . 21.14 11.68 -5.99
C5 LMU J . 21.40 11.29 -4.53
C6 LMU J . 20.19 11.22 -3.60
C7 LMU J . 20.42 11.60 -2.15
C8 LMU J . 19.65 12.84 -1.59
C9 LMU J . 18.73 12.61 -0.42
C10 LMU J . 17.65 13.69 -0.10
C11 LMU J . 16.55 13.96 -1.14
C12 LMU J . 15.20 14.43 -0.61
O1' LMU K . 4.38 27.22 1.05
C1 LMU K . 5.46 26.33 0.87
C2 LMU K . 6.63 26.39 1.85
C3 LMU K . 6.50 25.60 3.15
C4 LMU K . 7.48 24.45 3.41
C5 LMU K . 8.09 23.72 2.20
C6 LMU K . 9.25 22.77 2.47
C7 LMU K . 10.09 22.29 1.30
C8 LMU K . 10.73 20.88 1.48
C9 LMU K . 11.82 20.43 0.52
C10 LMU K . 12.96 19.58 1.14
C11 LMU K . 13.66 18.54 0.24
C12 LMU K . 15.00 18.02 0.71
O1' LMU L . 16.08 14.84 19.30
C1 LMU L . 15.73 15.76 20.31
C2 LMU L . 15.68 17.25 19.95
C3 LMU L . 16.48 17.70 18.73
C4 LMU L . 16.08 19.01 18.07
C5 LMU L . 16.92 19.48 16.85
C6 LMU L . 17.16 18.51 15.70
C7 LMU L . 18.35 17.56 15.79
C8 LMU L . 18.09 16.03 15.61
C9 LMU L . 18.18 15.45 14.21
C10 LMU L . 19.28 14.38 13.95
C11 LMU L . 19.29 13.66 12.60
C12 LMU L . 19.85 12.25 12.56
O1' LMU M . 0.61 -26.92 6.22
C1 LMU M . -0.65 -26.30 6.19
C2 LMU M . -0.83 -25.04 5.35
C3 LMU M . -1.21 -23.75 6.07
C4 LMU M . -2.62 -23.65 6.63
C5 LMU M . -3.37 -22.30 6.51
C6 LMU M . -2.83 -21.09 7.27
C7 LMU M . -3.83 -20.10 7.82
C8 LMU M . -5.35 -20.34 7.55
C9 LMU M . -6.32 -19.27 7.98
C10 LMU M . -6.80 -19.25 9.47
C11 LMU M . -8.24 -19.68 9.79
C12 LMU M . -8.99 -18.87 10.85
C1 BNG N . -6.64 0.44 -31.31
C2 BNG N . -5.40 1.06 -31.84
C3 BNG N . -5.03 0.35 -33.08
C4 BNG N . -4.79 -1.08 -32.85
C5 BNG N . -5.71 -1.77 -31.87
C6 BNG N . -5.04 -2.90 -31.20
C1' BNG N . -7.60 0.70 -29.09
C2' BNG N . -7.98 1.64 -27.94
C3' BNG N . -7.15 1.55 -26.63
C4' BNG N . -7.89 1.46 -25.30
C5' BNG N . -7.40 2.29 -24.10
C6' BNG N . -7.67 3.80 -24.09
C7' BNG N . -8.36 4.41 -22.89
C8' BNG N . -9.24 5.66 -23.09
C9' BNG N . -9.96 6.24 -21.89
O1 BNG N . -7.25 1.24 -30.36
O2 BNG N . -5.58 2.47 -32.02
O3 BNG N . -3.87 0.91 -33.74
O4 BNG N . -4.88 -1.74 -34.10
O5 BNG N . -6.28 -0.90 -30.83
O6 BNG N . -4.36 -3.85 -31.95
#